data_7Z3D
#
_entry.id   7Z3D
#
_cell.length_a   61.438
_cell.length_b   125.634
_cell.length_c   144.997
_cell.angle_alpha   90.000
_cell.angle_beta   90.000
_cell.angle_gamma   90.000
#
_symmetry.space_group_name_H-M   'C 2 2 21'
#
loop_
_entity.id
_entity.type
_entity.pdbx_description
1 polymer 'Ribonucleoside-diphosphate reductase subunit beta'
2 polymer 'Protein NrdI'
3 non-polymer 'MANGANESE (II) ION'
4 non-polymer 'UNKNOWN ATOM OR ION'
5 non-polymer 'FLAVIN MONONUCLEOTIDE'
6 water water
#
loop_
_entity_poly.entity_id
_entity_poly.type
_entity_poly.pdbx_seq_one_letter_code
_entity_poly.pdbx_strand_id
1 'polypeptide(L)'
;MRAVNWNKKEDDFSLMFWKQNIAQFWTEEEIAVSSDKNTWVQLSKEEQIAYKRVLGGLTLLDTKQGGEGMPLVLVHLENL
QAKSVLAFMGAMEEVHAKSYSHIFTTLATEEEIDDIFDWVDNHPLLEKKAGIITSYYRRLLKPEVTKKELYMAMVASVFL
ESYLFYSGFFYPLYLAGQGKLTASGEIINLIIRDESIHGVFVGILAQQIFAELSAEEQQEVQKETQELLMELYEIEMAYT
EEIYTSIGLVEDVNRFVRYNANKGLMNLGLEPKFEEEEINPIVLNGLRTDTKNHDFFSVKGNGYVKATNVEKLADDDFVF
NF
;
A
2 'polypeptide(L)'
;MLVAYDSMTGNVKRFIHKLNMPAVQIDEDLVIDEDFILITYTTGFGNVPERVLDFLERNNEKLKGVSASGNRNWGDMFGA
SADKISTKYEVPIVSKFELSGTNNDVEYFKERVREIATH
;
B
#
loop_
_chem_comp.id
_chem_comp.type
_chem_comp.name
_chem_comp.formula
FMN non-polymer 'FLAVIN MONONUCLEOTIDE' 'C17 H21 N4 O9 P'
MN non-polymer 'MANGANESE (II) ION' 'Mn 2'
UNX non-polymer 'UNKNOWN ATOM OR ION' ?
#
# COMPACT_ATOMS: atom_id res chain seq x y z
N MET A 1 12.44 -26.85 -20.58
CA MET A 1 12.21 -25.61 -19.84
C MET A 1 10.73 -25.26 -19.86
N ARG A 2 10.23 -24.69 -18.77
CA ARG A 2 8.80 -24.40 -18.62
CA ARG A 2 8.80 -24.41 -18.65
C ARG A 2 8.44 -23.08 -19.27
N ALA A 3 7.33 -23.06 -20.00
CA ALA A 3 6.72 -21.85 -20.50
C ALA A 3 5.51 -21.55 -19.61
N VAL A 4 5.12 -20.27 -19.58
CA VAL A 4 4.04 -19.89 -18.68
C VAL A 4 2.71 -20.28 -19.29
N ASN A 5 1.86 -20.94 -18.49
CA ASN A 5 0.57 -21.47 -18.91
C ASN A 5 -0.51 -20.85 -18.04
N TRP A 6 -1.23 -19.86 -18.57
CA TRP A 6 -2.26 -19.18 -17.79
C TRP A 6 -3.57 -19.95 -17.75
N ASN A 7 -3.69 -21.07 -18.44
CA ASN A 7 -4.89 -21.91 -18.34
C ASN A 7 -4.80 -22.90 -17.19
N LYS A 8 -3.73 -22.85 -16.39
CA LYS A 8 -3.56 -23.69 -15.22
C LYS A 8 -2.98 -22.80 -14.13
N LYS A 9 -3.75 -22.58 -13.05
CA LYS A 9 -3.32 -21.68 -11.98
C LYS A 9 -2.08 -22.22 -11.27
N GLU A 10 -1.06 -21.37 -11.15
CA GLU A 10 0.08 -21.71 -10.30
C GLU A 10 -0.14 -21.33 -8.85
N ASP A 11 -1.09 -20.43 -8.59
CA ASP A 11 -1.42 -19.99 -7.23
C ASP A 11 -2.81 -19.36 -7.29
N ASP A 12 -3.32 -18.96 -6.13
CA ASP A 12 -4.68 -18.44 -6.03
C ASP A 12 -4.77 -16.94 -6.24
N PHE A 13 -3.65 -16.24 -6.43
N PHE A 13 -3.67 -16.23 -6.43
CA PHE A 13 -3.63 -14.78 -6.38
CA PHE A 13 -3.71 -14.77 -6.43
C PHE A 13 -3.15 -14.11 -7.66
C PHE A 13 -3.13 -14.09 -7.66
N SER A 14 -2.24 -14.75 -8.43
CA SER A 14 -1.53 -14.02 -9.49
C SER A 14 -2.47 -13.47 -10.56
N LEU A 15 -3.52 -14.21 -10.92
CA LEU A 15 -4.40 -13.72 -11.98
C LEU A 15 -5.15 -12.46 -11.55
N MET A 16 -5.60 -12.47 -10.29
CA MET A 16 -6.33 -11.31 -9.71
C MET A 16 -5.43 -10.06 -9.72
N PHE A 17 -4.15 -10.24 -9.41
CA PHE A 17 -3.20 -9.11 -9.38
C PHE A 17 -2.82 -8.68 -10.79
N TRP A 18 -2.64 -9.64 -11.70
CA TRP A 18 -2.32 -9.29 -13.08
C TRP A 18 -3.39 -8.37 -13.64
N LYS A 19 -4.66 -8.75 -13.48
CA LYS A 19 -5.75 -7.94 -14.04
C LYS A 19 -5.86 -6.58 -13.36
N GLN A 20 -5.63 -6.54 -12.05
CA GLN A 20 -5.72 -5.25 -11.35
C GLN A 20 -4.61 -4.31 -11.79
N ASN A 21 -3.40 -4.83 -11.98
CA ASN A 21 -2.32 -3.97 -12.45
CA ASN A 21 -2.28 -4.05 -12.53
C ASN A 21 -2.69 -3.31 -13.79
N ILE A 22 -3.30 -4.05 -14.72
CA ILE A 22 -3.63 -3.47 -16.01
C ILE A 22 -4.82 -2.53 -15.91
N ALA A 23 -5.81 -2.89 -15.11
CA ALA A 23 -6.94 -1.98 -14.89
C ALA A 23 -6.48 -0.64 -14.33
N GLN A 24 -5.36 -0.62 -13.59
CA GLN A 24 -4.83 0.60 -13.00
C GLN A 24 -3.80 1.30 -13.89
N PHE A 25 -3.59 0.83 -15.12
CA PHE A 25 -2.56 1.41 -15.96
C PHE A 25 -2.84 2.88 -16.24
N TRP A 26 -1.79 3.69 -16.21
CA TRP A 26 -1.90 5.12 -16.49
C TRP A 26 -0.53 5.60 -16.93
N THR A 27 -0.49 6.80 -17.50
CA THR A 27 0.75 7.44 -17.88
C THR A 27 0.62 8.95 -17.58
N GLU A 28 1.76 9.62 -17.41
CA GLU A 28 1.75 11.02 -16.94
C GLU A 28 1.03 11.97 -17.89
N GLU A 29 0.91 11.63 -19.17
CA GLU A 29 0.25 12.54 -20.11
C GLU A 29 -1.24 12.66 -19.86
N GLU A 30 -1.80 11.82 -19.00
CA GLU A 30 -3.22 11.89 -18.68
C GLU A 30 -3.54 13.02 -17.69
N ILE A 31 -2.52 13.61 -17.05
CA ILE A 31 -2.72 14.62 -16.02
C ILE A 31 -1.88 15.83 -16.38
N ALA A 32 -2.52 16.88 -16.87
CA ALA A 32 -1.83 18.16 -17.01
C ALA A 32 -1.67 18.78 -15.63
N VAL A 33 -0.46 19.25 -15.33
CA VAL A 33 -0.12 19.81 -14.03
C VAL A 33 0.14 21.30 -14.10
N SER A 34 0.00 21.92 -15.27
CA SER A 34 0.39 23.32 -15.44
C SER A 34 -0.45 24.24 -14.56
N SER A 35 -1.72 23.91 -14.33
CA SER A 35 -2.57 24.76 -13.50
C SER A 35 -2.09 24.83 -12.05
N ASP A 36 -1.17 23.96 -11.64
CA ASP A 36 -0.62 24.03 -10.27
C ASP A 36 0.24 25.26 -10.05
N LYS A 37 0.71 25.92 -11.11
CA LYS A 37 1.55 27.11 -10.94
C LYS A 37 0.87 28.16 -10.09
N ASN A 38 -0.46 28.23 -10.15
CA ASN A 38 -1.18 29.29 -9.45
C ASN A 38 -1.02 29.15 -7.94
N THR A 39 -1.01 27.92 -7.43
CA THR A 39 -0.82 27.71 -6.00
C THR A 39 0.64 27.59 -5.62
N TRP A 40 1.48 27.14 -6.55
CA TRP A 40 2.90 26.95 -6.24
C TRP A 40 3.58 28.25 -5.87
N VAL A 41 3.22 29.36 -6.53
CA VAL A 41 3.85 30.64 -6.22
C VAL A 41 3.39 31.21 -4.89
N GLN A 42 2.32 30.65 -4.31
CA GLN A 42 1.81 31.08 -3.01
C GLN A 42 2.50 30.38 -1.83
N LEU A 43 3.30 29.37 -2.09
CA LEU A 43 4.06 28.73 -1.03
C LEU A 43 5.31 29.53 -0.71
N SER A 44 5.74 29.45 0.54
CA SER A 44 6.98 30.09 0.93
C SER A 44 8.18 29.34 0.33
N LYS A 45 9.32 30.01 0.39
CA LYS A 45 10.58 29.40 -0.05
C LYS A 45 10.82 28.06 0.63
N GLU A 46 10.66 28.01 1.96
CA GLU A 46 10.96 26.77 2.69
C GLU A 46 9.99 25.65 2.33
N GLU A 47 8.73 25.99 2.03
CA GLU A 47 7.77 25.00 1.58
C GLU A 47 8.13 24.45 0.20
N GLN A 48 8.50 25.34 -0.73
CA GLN A 48 8.91 24.89 -2.05
C GLN A 48 10.14 24.00 -1.97
N ILE A 49 11.10 24.32 -1.10
CA ILE A 49 12.31 23.50 -1.01
C ILE A 49 11.98 22.11 -0.51
N ALA A 50 11.12 22.02 0.51
CA ALA A 50 10.74 20.71 1.05
C ALA A 50 10.00 19.88 0.00
N TYR A 51 9.13 20.51 -0.78
CA TYR A 51 8.38 19.80 -1.82
C TYR A 51 9.33 19.24 -2.88
N LYS A 52 10.30 20.05 -3.34
CA LYS A 52 11.24 19.54 -4.34
C LYS A 52 12.13 18.46 -3.75
N ARG A 53 12.55 18.60 -2.49
CA ARG A 53 13.41 17.60 -1.88
C ARG A 53 12.70 16.26 -1.68
N VAL A 54 11.43 16.26 -1.27
CA VAL A 54 10.75 14.98 -1.11
C VAL A 54 10.51 14.32 -2.48
N LEU A 55 10.20 15.10 -3.52
CA LEU A 55 10.01 14.49 -4.83
C LEU A 55 11.30 13.84 -5.33
N GLY A 56 12.44 14.51 -5.12
CA GLY A 56 13.71 13.90 -5.47
C GLY A 56 13.95 12.59 -4.74
N GLY A 57 13.63 12.55 -3.45
CA GLY A 57 13.77 11.32 -2.69
C GLY A 57 12.89 10.20 -3.23
N LEU A 58 11.63 10.53 -3.55
CA LEU A 58 10.74 9.53 -4.15
C LEU A 58 11.28 9.03 -5.50
N THR A 59 11.82 9.94 -6.31
CA THR A 59 12.36 9.52 -7.61
C THR A 59 13.47 8.48 -7.43
N LEU A 60 14.36 8.72 -6.45
CA LEU A 60 15.43 7.76 -6.19
C LEU A 60 14.87 6.40 -5.80
N LEU A 61 13.89 6.38 -4.90
CA LEU A 61 13.34 5.11 -4.43
C LEU A 61 12.64 4.35 -5.56
N ASP A 62 11.87 5.05 -6.39
CA ASP A 62 11.25 4.37 -7.54
C ASP A 62 12.30 3.92 -8.53
N THR A 63 13.38 4.68 -8.72
CA THR A 63 14.45 4.25 -9.61
C THR A 63 15.02 2.92 -9.19
N LYS A 64 15.29 2.75 -7.88
CA LYS A 64 15.88 1.51 -7.39
C LYS A 64 14.90 0.36 -7.44
N GLN A 65 13.61 0.64 -7.22
CA GLN A 65 12.62 -0.43 -7.22
C GLN A 65 12.37 -0.97 -8.63
N GLY A 66 12.28 -0.07 -9.62
CA GLY A 66 12.09 -0.55 -10.98
C GLY A 66 13.35 -1.16 -11.58
N GLY A 67 14.52 -0.68 -11.17
CA GLY A 67 15.75 -1.09 -11.79
C GLY A 67 16.54 -2.16 -11.05
N GLU A 68 16.16 -2.45 -9.81
CA GLU A 68 16.89 -3.48 -9.02
C GLU A 68 15.92 -4.37 -8.26
N GLY A 69 15.02 -3.77 -7.51
CA GLY A 69 14.07 -4.48 -6.65
C GLY A 69 13.26 -5.51 -7.40
N MET A 70 12.42 -5.08 -8.33
CA MET A 70 11.53 -5.99 -9.07
C MET A 70 12.31 -6.99 -9.92
N PRO A 71 13.25 -6.59 -10.80
CA PRO A 71 13.97 -7.53 -11.62
C PRO A 71 14.73 -8.63 -10.86
N LEU A 72 15.46 -8.25 -9.82
CA LEU A 72 16.29 -9.22 -9.07
C LEU A 72 15.44 -10.21 -8.27
N VAL A 73 14.30 -9.76 -7.73
CA VAL A 73 13.40 -10.71 -7.08
C VAL A 73 12.75 -11.63 -8.12
N LEU A 74 12.23 -11.04 -9.19
CA LEU A 74 11.46 -11.85 -10.13
C LEU A 74 12.34 -12.89 -10.83
N VAL A 75 13.64 -12.62 -11.04
CA VAL A 75 14.45 -13.61 -11.77
C VAL A 75 14.56 -14.91 -10.99
N HIS A 76 14.47 -14.86 -9.67
CA HIS A 76 14.65 -16.08 -8.89
C HIS A 76 13.34 -16.78 -8.53
N LEU A 77 12.18 -16.25 -8.91
CA LEU A 77 10.92 -16.92 -8.62
C LEU A 77 10.72 -18.09 -9.57
N GLU A 78 10.22 -19.21 -9.05
CA GLU A 78 9.89 -20.34 -9.91
C GLU A 78 8.45 -20.30 -10.40
N ASN A 79 7.60 -19.52 -9.75
CA ASN A 79 6.21 -19.35 -10.12
C ASN A 79 6.15 -18.39 -11.31
N LEU A 80 5.81 -18.92 -12.49
CA LEU A 80 5.89 -18.12 -13.71
C LEU A 80 4.78 -17.08 -13.77
N GLN A 81 3.64 -17.36 -13.15
CA GLN A 81 2.56 -16.38 -13.14
C GLN A 81 2.89 -15.22 -12.21
N ALA A 82 3.43 -15.49 -11.01
CA ALA A 82 3.83 -14.39 -10.12
C ALA A 82 4.97 -13.58 -10.72
N LYS A 83 5.91 -14.25 -11.37
CA LYS A 83 7.00 -13.56 -12.07
C LYS A 83 6.44 -12.54 -13.06
N SER A 84 5.40 -12.92 -13.80
CA SER A 84 4.77 -12.02 -14.75
C SER A 84 4.25 -10.76 -14.08
N VAL A 85 3.59 -10.92 -12.94
CA VAL A 85 3.00 -9.77 -12.21
C VAL A 85 4.11 -8.82 -11.79
N LEU A 86 5.21 -9.34 -11.27
CA LEU A 86 6.31 -8.50 -10.82
C LEU A 86 6.95 -7.73 -11.97
N ALA A 87 7.03 -8.36 -13.14
CA ALA A 87 7.60 -7.66 -14.29
C ALA A 87 6.76 -6.44 -14.66
N PHE A 88 5.43 -6.56 -14.57
CA PHE A 88 4.57 -5.42 -14.87
C PHE A 88 4.69 -4.36 -13.79
N MET A 89 4.70 -4.78 -12.52
CA MET A 89 4.91 -3.83 -11.43
CA MET A 89 4.91 -3.83 -11.43
C MET A 89 6.23 -3.09 -11.59
N GLY A 90 7.28 -3.79 -12.05
CA GLY A 90 8.55 -3.12 -12.29
C GLY A 90 8.45 -2.06 -13.36
N ALA A 91 7.69 -2.33 -14.42
CA ALA A 91 7.48 -1.32 -15.46
C ALA A 91 6.77 -0.09 -14.90
N MET A 92 5.76 -0.32 -14.06
CA MET A 92 5.02 0.81 -13.50
C MET A 92 5.89 1.64 -12.55
N GLU A 93 6.90 1.03 -11.90
CA GLU A 93 7.86 1.82 -11.08
C GLU A 93 8.54 2.85 -11.99
N GLU A 94 8.79 2.51 -13.26
CA GLU A 94 9.44 3.46 -14.15
C GLU A 94 8.48 4.54 -14.64
N VAL A 95 7.20 4.19 -14.81
CA VAL A 95 6.17 5.20 -15.07
C VAL A 95 6.09 6.20 -13.92
N HIS A 96 6.12 5.69 -12.69
CA HIS A 96 6.10 6.54 -11.51
C HIS A 96 7.28 7.50 -11.50
N ALA A 97 8.50 6.95 -11.61
CA ALA A 97 9.70 7.79 -11.58
C ALA A 97 9.65 8.86 -12.66
N LYS A 98 9.17 8.50 -13.86
CA LYS A 98 9.08 9.49 -14.90
C LYS A 98 8.03 10.56 -14.58
N SER A 99 6.93 10.17 -13.94
CA SER A 99 5.88 11.14 -13.63
C SER A 99 6.39 12.27 -12.73
N TYR A 100 7.38 12.00 -11.88
CA TYR A 100 7.93 13.08 -11.05
C TYR A 100 8.58 14.16 -11.90
N SER A 101 9.23 13.77 -13.00
CA SER A 101 9.86 14.75 -13.89
C SER A 101 8.81 15.61 -14.58
N HIS A 102 7.67 15.00 -14.91
CA HIS A 102 6.52 15.74 -15.43
C HIS A 102 6.12 16.87 -14.47
N ILE A 103 6.16 16.59 -13.18
CA ILE A 103 5.84 17.60 -12.16
C ILE A 103 6.94 18.66 -12.12
N PHE A 104 8.21 18.23 -12.01
CA PHE A 104 9.32 19.18 -11.96
C PHE A 104 9.31 20.15 -13.12
N THR A 105 8.99 19.67 -14.33
CA THR A 105 9.04 20.53 -15.51
C THR A 105 8.13 21.73 -15.37
N THR A 106 7.01 21.58 -14.66
CA THR A 106 6.08 22.68 -14.45
C THR A 106 6.53 23.60 -13.32
N LEU A 107 7.14 23.06 -12.27
CA LEU A 107 7.40 23.85 -11.07
C LEU A 107 8.77 24.51 -11.03
N ALA A 108 9.72 24.08 -11.87
CA ALA A 108 11.10 24.52 -11.71
C ALA A 108 11.76 24.69 -13.07
N THR A 109 12.73 25.60 -13.12
CA THR A 109 13.56 25.73 -14.30
C THR A 109 14.54 24.56 -14.38
N GLU A 110 15.19 24.41 -15.54
CA GLU A 110 16.03 23.23 -15.69
C GLU A 110 17.26 23.28 -14.80
N GLU A 111 17.76 24.48 -14.48
CA GLU A 111 18.89 24.59 -13.56
CA GLU A 111 18.89 24.57 -13.56
C GLU A 111 18.48 24.24 -12.14
N GLU A 112 17.25 24.57 -11.74
CA GLU A 112 16.75 24.17 -10.43
C GLU A 112 16.61 22.65 -10.35
N ILE A 113 16.21 22.02 -11.46
CA ILE A 113 16.01 20.58 -11.46
C ILE A 113 17.35 19.86 -11.30
N ASP A 114 18.38 20.30 -12.03
CA ASP A 114 19.71 19.71 -11.89
C ASP A 114 20.21 19.81 -10.45
N ASP A 115 19.96 20.95 -9.79
CA ASP A 115 20.39 21.10 -8.40
C ASP A 115 19.71 20.08 -7.50
N ILE A 116 18.40 19.88 -7.67
CA ILE A 116 17.68 18.89 -6.88
C ILE A 116 18.31 17.51 -7.06
N PHE A 117 18.60 17.12 -8.31
CA PHE A 117 19.12 15.78 -8.51
C PHE A 117 20.57 15.65 -8.04
N ASP A 118 21.37 16.69 -8.15
CA ASP A 118 22.70 16.65 -7.54
C ASP A 118 22.58 16.53 -6.02
N TRP A 119 21.64 17.24 -5.41
CA TRP A 119 21.40 17.11 -3.99
C TRP A 119 21.02 15.68 -3.61
N VAL A 120 20.14 15.05 -4.42
CA VAL A 120 19.72 13.68 -4.14
C VAL A 120 20.91 12.72 -4.23
N ASP A 121 21.69 12.83 -5.31
CA ASP A 121 22.80 11.91 -5.55
C ASP A 121 23.80 11.92 -4.39
N ASN A 122 24.04 13.10 -3.81
CA ASN A 122 25.10 13.24 -2.82
C ASN A 122 24.59 13.37 -1.39
N HIS A 123 23.31 13.15 -1.15
CA HIS A 123 22.79 13.28 0.22
C HIS A 123 23.11 12.02 1.01
N PRO A 124 23.88 12.12 2.10
CA PRO A 124 24.31 10.91 2.82
C PRO A 124 23.17 10.11 3.44
N LEU A 125 22.08 10.76 3.87
CA LEU A 125 20.98 10.00 4.47
C LEU A 125 20.24 9.18 3.42
N LEU A 126 19.96 9.77 2.25
CA LEU A 126 19.32 8.99 1.19
C LEU A 126 20.22 7.85 0.73
N GLU A 127 21.53 8.10 0.66
CA GLU A 127 22.51 7.07 0.25
C GLU A 127 22.42 5.88 1.23
N LYS A 128 22.34 6.13 2.54
CA LYS A 128 22.26 5.06 3.53
C LYS A 128 20.91 4.37 3.49
N LYS A 129 19.83 5.16 3.37
CA LYS A 129 18.49 4.58 3.27
CA LYS A 129 18.50 4.59 3.27
C LYS A 129 18.37 3.68 2.05
N ALA A 130 18.71 4.18 0.88
CA ALA A 130 18.65 3.36 -0.33
C ALA A 130 19.65 2.22 -0.27
N GLY A 131 20.85 2.49 0.29
CA GLY A 131 21.87 1.45 0.38
C GLY A 131 21.41 0.26 1.21
N ILE A 132 20.67 0.50 2.28
CA ILE A 132 20.23 -0.59 3.14
C ILE A 132 19.24 -1.50 2.41
N ILE A 133 18.27 -0.89 1.73
CA ILE A 133 17.29 -1.67 0.98
C ILE A 133 17.96 -2.47 -0.14
N THR A 134 18.80 -1.80 -0.94
CA THR A 134 19.33 -2.47 -2.14
C THR A 134 20.41 -3.50 -1.81
N SER A 135 20.99 -3.46 -0.60
CA SER A 135 21.91 -4.52 -0.23
C SER A 135 21.21 -5.86 -0.18
N TYR A 136 19.94 -5.89 0.23
CA TYR A 136 19.16 -7.12 0.15
C TYR A 136 18.90 -7.56 -1.28
N TYR A 137 18.80 -6.61 -2.20
CA TYR A 137 18.58 -6.95 -3.60
C TYR A 137 19.85 -7.47 -4.24
N ARG A 138 20.98 -6.82 -3.95
CA ARG A 138 22.23 -7.16 -4.62
C ARG A 138 22.75 -8.53 -4.20
N ARG A 139 22.35 -9.01 -3.03
CA ARG A 139 22.73 -10.37 -2.66
CA ARG A 139 22.67 -10.37 -2.64
C ARG A 139 22.12 -11.41 -3.61
N LEU A 140 21.08 -11.05 -4.37
CA LEU A 140 20.47 -11.92 -5.35
C LEU A 140 21.20 -11.94 -6.69
N LEU A 141 22.30 -11.19 -6.85
CA LEU A 141 23.08 -11.22 -8.09
C LEU A 141 24.05 -12.38 -8.07
N LYS A 142 23.49 -13.58 -8.14
CA LYS A 142 24.23 -14.83 -8.23
C LYS A 142 23.27 -15.91 -8.71
N PRO A 143 23.78 -17.01 -9.28
CA PRO A 143 22.85 -17.98 -9.90
C PRO A 143 21.94 -18.69 -8.91
N GLU A 144 22.41 -18.96 -7.69
CA GLU A 144 21.67 -19.74 -6.71
C GLU A 144 21.45 -18.88 -5.47
N VAL A 145 20.19 -18.70 -5.08
CA VAL A 145 19.90 -17.99 -3.84
C VAL A 145 19.15 -18.95 -2.91
N THR A 146 19.33 -18.74 -1.62
CA THR A 146 18.57 -19.51 -0.64
C THR A 146 17.20 -18.88 -0.42
N LYS A 147 16.28 -19.68 0.12
CA LYS A 147 14.95 -19.15 0.42
C LYS A 147 15.02 -18.06 1.48
N LYS A 148 16.00 -18.11 2.38
CA LYS A 148 16.17 -17.07 3.40
C LYS A 148 16.57 -15.74 2.76
N GLU A 149 17.49 -15.77 1.79
CA GLU A 149 17.90 -14.57 1.07
C GLU A 149 16.75 -14.00 0.26
N LEU A 150 15.95 -14.87 -0.35
CA LEU A 150 14.83 -14.38 -1.13
C LEU A 150 13.74 -13.79 -0.22
N TYR A 151 13.47 -14.45 0.92
CA TYR A 151 12.50 -13.89 1.87
C TYR A 151 12.91 -12.49 2.31
N MET A 152 14.19 -12.31 2.66
CA MET A 152 14.62 -11.02 3.19
C MET A 152 14.56 -9.93 2.13
N ALA A 153 14.77 -10.29 0.86
CA ALA A 153 14.62 -9.32 -0.23
C ALA A 153 13.17 -8.88 -0.38
N MET A 154 12.24 -9.81 -0.19
CA MET A 154 10.83 -9.46 -0.26
C MET A 154 10.41 -8.59 0.92
N VAL A 155 10.96 -8.86 2.11
CA VAL A 155 10.71 -8.01 3.28
C VAL A 155 11.21 -6.61 3.00
N ALA A 156 12.44 -6.49 2.50
CA ALA A 156 13.00 -5.19 2.16
C ALA A 156 12.12 -4.48 1.14
N SER A 157 11.58 -5.23 0.19
CA SER A 157 10.73 -4.65 -0.83
C SER A 157 9.40 -4.18 -0.25
N VAL A 158 8.77 -5.00 0.60
CA VAL A 158 7.53 -4.56 1.26
C VAL A 158 7.80 -3.31 2.09
N PHE A 159 8.92 -3.28 2.81
CA PHE A 159 9.20 -2.10 3.64
C PHE A 159 9.36 -0.86 2.79
N LEU A 160 9.91 -1.00 1.58
CA LEU A 160 9.98 0.14 0.68
C LEU A 160 8.59 0.52 0.15
N GLU A 161 7.82 -0.47 -0.32
CA GLU A 161 6.53 -0.21 -0.95
CA GLU A 161 6.55 -0.17 -0.97
C GLU A 161 5.53 0.40 0.03
N SER A 162 5.51 -0.14 1.26
CA SER A 162 4.44 0.18 2.19
C SER A 162 4.83 1.15 3.29
N TYR A 163 6.08 1.59 3.34
CA TYR A 163 6.58 2.23 4.55
C TYR A 163 7.53 3.36 4.19
N LEU A 164 8.63 3.06 3.47
CA LEU A 164 9.65 4.09 3.27
C LEU A 164 9.21 5.18 2.31
N PHE A 165 8.31 4.88 1.36
CA PHE A 165 7.79 5.94 0.51
C PHE A 165 7.08 7.04 1.31
N TYR A 166 6.48 6.70 2.45
CA TYR A 166 5.44 7.56 2.98
C TYR A 166 5.95 8.80 3.71
N SER A 167 7.21 8.85 4.15
CA SER A 167 7.72 10.14 4.61
C SER A 167 7.80 11.15 3.47
N GLY A 168 7.87 10.68 2.23
CA GLY A 168 7.81 11.57 1.08
C GLY A 168 6.40 11.81 0.57
N PHE A 169 5.57 10.77 0.50
CA PHE A 169 4.18 10.97 0.07
C PHE A 169 3.44 11.96 0.96
N PHE A 170 3.83 12.06 2.23
CA PHE A 170 3.09 12.88 3.20
C PHE A 170 2.83 14.29 2.67
N TYR A 171 3.88 14.98 2.20
CA TYR A 171 3.76 16.41 1.95
C TYR A 171 2.91 16.73 0.72
N PRO A 172 3.03 16.02 -0.41
CA PRO A 172 2.08 16.28 -1.51
C PRO A 172 0.64 16.04 -1.10
N LEU A 173 0.38 15.04 -0.26
CA LEU A 173 -0.99 14.80 0.20
C LEU A 173 -1.47 15.88 1.15
N TYR A 174 -0.57 16.37 2.00
CA TYR A 174 -0.92 17.41 2.98
C TYR A 174 -1.31 18.69 2.26
N LEU A 175 -0.54 19.09 1.24
CA LEU A 175 -0.86 20.28 0.47
C LEU A 175 -2.13 20.10 -0.35
N ALA A 176 -2.26 18.95 -1.03
CA ALA A 176 -3.46 18.72 -1.83
C ALA A 176 -4.71 18.64 -0.97
N GLY A 177 -4.58 18.10 0.25
CA GLY A 177 -5.70 18.16 1.19
C GLY A 177 -6.10 19.56 1.59
N GLN A 178 -5.28 20.57 1.29
CA GLN A 178 -5.59 21.96 1.54
C GLN A 178 -5.91 22.74 0.27
N GLY A 179 -6.08 22.05 -0.86
CA GLY A 179 -6.31 22.73 -2.13
C GLY A 179 -5.08 23.30 -2.79
N LYS A 180 -3.89 22.83 -2.43
CA LYS A 180 -2.65 23.34 -3.02
C LYS A 180 -1.99 22.23 -3.82
N LEU A 181 -1.54 22.57 -5.03
CA LEU A 181 -0.88 21.64 -5.95
C LEU A 181 -1.71 20.37 -6.12
N THR A 182 -2.96 20.57 -6.55
CA THR A 182 -3.87 19.43 -6.61
C THR A 182 -3.65 18.56 -7.84
N ALA A 183 -3.17 19.12 -8.95
CA ALA A 183 -2.86 18.29 -10.11
C ALA A 183 -1.73 17.31 -9.79
N SER A 184 -0.63 17.83 -9.22
CA SER A 184 0.46 16.96 -8.79
C SER A 184 -0.02 15.97 -7.75
N GLY A 185 -0.96 16.38 -6.90
CA GLY A 185 -1.53 15.46 -5.94
C GLY A 185 -2.28 14.30 -6.59
N GLU A 186 -2.94 14.57 -7.72
CA GLU A 186 -3.63 13.51 -8.44
C GLU A 186 -2.64 12.47 -8.97
N ILE A 187 -1.46 12.92 -9.39
CA ILE A 187 -0.45 11.97 -9.82
C ILE A 187 0.06 11.17 -8.63
N ILE A 188 0.30 11.84 -7.50
CA ILE A 188 0.80 11.12 -6.34
C ILE A 188 -0.21 10.07 -5.91
N ASN A 189 -1.51 10.39 -6.02
CA ASN A 189 -2.55 9.43 -5.65
C ASN A 189 -2.59 8.22 -6.60
N LEU A 190 -2.38 8.43 -7.91
CA LEU A 190 -2.25 7.29 -8.81
C LEU A 190 -1.05 6.42 -8.45
N ILE A 191 0.07 7.06 -8.09
CA ILE A 191 1.24 6.29 -7.67
C ILE A 191 0.91 5.45 -6.44
N ILE A 192 0.27 6.06 -5.45
CA ILE A 192 -0.08 5.37 -4.20
C ILE A 192 -1.03 4.21 -4.46
N ARG A 193 -1.98 4.41 -5.36
CA ARG A 193 -2.89 3.33 -5.73
C ARG A 193 -2.10 2.11 -6.21
N ASP A 194 -1.06 2.34 -7.02
CA ASP A 194 -0.21 1.24 -7.47
C ASP A 194 0.60 0.66 -6.31
N GLU A 195 1.30 1.51 -5.55
CA GLU A 195 2.16 0.98 -4.50
CA GLU A 195 2.15 1.03 -4.47
C GLU A 195 1.36 0.20 -3.46
N SER A 196 0.10 0.59 -3.22
CA SER A 196 -0.73 -0.13 -2.27
CA SER A 196 -0.73 -0.13 -2.27
C SER A 196 -0.83 -1.61 -2.65
N ILE A 197 -1.13 -1.88 -3.91
CA ILE A 197 -1.31 -3.30 -4.31
C ILE A 197 0.06 -3.98 -4.47
N HIS A 198 1.10 -3.20 -4.77
CA HIS A 198 2.46 -3.76 -4.88
C HIS A 198 2.84 -4.36 -3.54
N GLY A 199 2.65 -3.58 -2.48
CA GLY A 199 3.01 -4.05 -1.15
C GLY A 199 2.24 -5.28 -0.73
N VAL A 200 0.93 -5.31 -1.02
CA VAL A 200 0.14 -6.50 -0.71
C VAL A 200 0.69 -7.73 -1.43
N PHE A 201 0.93 -7.59 -2.73
CA PHE A 201 1.37 -8.74 -3.56
C PHE A 201 2.69 -9.33 -3.05
N VAL A 202 3.71 -8.51 -2.90
CA VAL A 202 5.03 -8.99 -2.43
C VAL A 202 4.89 -9.58 -1.03
N GLY A 203 4.00 -9.02 -0.20
CA GLY A 203 3.81 -9.60 1.13
C GLY A 203 3.21 -10.99 1.10
N ILE A 204 2.27 -11.22 0.17
CA ILE A 204 1.72 -12.56 -0.04
C ILE A 204 2.84 -13.54 -0.41
N LEU A 205 3.70 -13.14 -1.34
CA LEU A 205 4.77 -14.02 -1.79
C LEU A 205 5.73 -14.32 -0.67
N ALA A 206 6.03 -13.31 0.15
CA ALA A 206 6.92 -13.52 1.29
C ALA A 206 6.32 -14.51 2.28
N GLN A 207 5.01 -14.42 2.52
CA GLN A 207 4.38 -15.36 3.45
C GLN A 207 4.42 -16.78 2.93
N GLN A 208 4.28 -16.99 1.61
CA GLN A 208 4.42 -18.34 1.05
C GLN A 208 5.82 -18.90 1.28
N ILE A 209 6.85 -18.08 1.07
CA ILE A 209 8.22 -18.54 1.31
C ILE A 209 8.45 -18.82 2.79
N PHE A 210 8.00 -17.91 3.67
CA PHE A 210 8.19 -18.10 5.10
C PHE A 210 7.76 -19.50 5.54
N ALA A 211 6.66 -20.01 4.96
CA ALA A 211 6.15 -21.32 5.34
C ALA A 211 7.04 -22.46 4.87
N GLU A 212 7.91 -22.23 3.88
CA GLU A 212 8.85 -23.26 3.44
C GLU A 212 10.13 -23.27 4.25
N LEU A 213 10.38 -22.27 5.09
CA LEU A 213 11.60 -22.20 5.86
C LEU A 213 11.56 -23.17 7.03
N SER A 214 12.74 -23.60 7.46
CA SER A 214 12.81 -24.42 8.66
C SER A 214 12.49 -23.58 9.90
N ALA A 215 12.17 -24.27 10.98
CA ALA A 215 11.89 -23.61 12.25
C ALA A 215 13.03 -22.69 12.65
N GLU A 216 14.27 -23.12 12.45
CA GLU A 216 15.40 -22.28 12.81
C GLU A 216 15.48 -21.04 11.93
N GLU A 217 15.29 -21.20 10.61
CA GLU A 217 15.36 -20.06 9.70
C GLU A 217 14.19 -19.10 9.91
N GLN A 218 13.03 -19.61 10.31
CA GLN A 218 11.91 -18.73 10.60
C GLN A 218 12.25 -17.80 11.76
N GLN A 219 12.85 -18.35 12.83
CA GLN A 219 13.25 -17.50 13.95
C GLN A 219 14.32 -16.50 13.53
N GLU A 220 15.23 -16.91 12.64
CA GLU A 220 16.29 -16.01 12.21
C GLU A 220 15.73 -14.85 11.39
N VAL A 221 14.85 -15.12 10.44
CA VAL A 221 14.33 -14.03 9.63
C VAL A 221 13.37 -13.16 10.44
N GLN A 222 12.68 -13.72 11.44
CA GLN A 222 11.82 -12.90 12.27
CA GLN A 222 11.81 -12.90 12.28
C GLN A 222 12.63 -11.88 13.06
N LYS A 223 13.76 -12.31 13.63
CA LYS A 223 14.64 -11.38 14.32
C LYS A 223 15.19 -10.31 13.37
N GLU A 224 15.68 -10.74 12.20
CA GLU A 224 16.26 -9.79 11.27
C GLU A 224 15.21 -8.84 10.69
N THR A 225 13.98 -9.31 10.53
CA THR A 225 12.91 -8.41 10.08
C THR A 225 12.66 -7.31 11.11
N GLN A 226 12.66 -7.65 12.40
CA GLN A 226 12.42 -6.62 13.41
C GLN A 226 13.58 -5.65 13.47
N GLU A 227 14.81 -6.13 13.36
CA GLU A 227 15.97 -5.23 13.37
C GLU A 227 15.94 -4.30 12.17
N LEU A 228 15.57 -4.81 11.00
CA LEU A 228 15.54 -3.99 9.79
C LEU A 228 14.47 -2.91 9.90
N LEU A 229 13.28 -3.28 10.37
CA LEU A 229 12.21 -2.32 10.66
C LEU A 229 12.73 -1.15 11.51
N MET A 230 13.38 -1.47 12.62
CA MET A 230 13.81 -0.44 13.56
C MET A 230 15.02 0.33 13.05
N GLU A 231 15.89 -0.32 12.27
CA GLU A 231 17.01 0.38 11.66
C GLU A 231 16.53 1.44 10.69
N LEU A 232 15.52 1.10 9.89
CA LEU A 232 14.96 2.04 8.92
C LEU A 232 14.20 3.16 9.61
N TYR A 233 13.52 2.84 10.71
CA TYR A 233 12.82 3.85 11.48
C TYR A 233 13.78 4.92 12.01
N GLU A 234 14.93 4.50 12.55
CA GLU A 234 15.96 5.45 13.00
C GLU A 234 16.38 6.39 11.87
N ILE A 235 16.56 5.84 10.66
CA ILE A 235 16.94 6.66 9.52
C ILE A 235 15.80 7.60 9.12
N GLU A 236 14.57 7.10 9.08
CA GLU A 236 13.43 7.93 8.73
C GLU A 236 13.28 9.12 9.70
N MET A 237 13.57 8.92 10.99
CA MET A 237 13.44 10.03 11.93
CA MET A 237 13.47 10.01 11.96
C MET A 237 14.50 11.09 11.66
N ALA A 238 15.71 10.69 11.31
CA ALA A 238 16.71 11.68 10.91
C ALA A 238 16.28 12.38 9.63
N TYR A 239 15.71 11.62 8.69
CA TYR A 239 15.29 12.19 7.40
C TYR A 239 14.16 13.20 7.58
N THR A 240 13.12 12.83 8.34
CA THR A 240 12.04 13.78 8.57
C THR A 240 12.53 15.00 9.35
N GLU A 241 13.48 14.80 10.26
CA GLU A 241 14.06 15.94 10.98
C GLU A 241 14.70 16.92 10.02
N GLU A 242 15.37 16.40 8.99
CA GLU A 242 16.09 17.27 8.06
C GLU A 242 15.14 17.96 7.09
N ILE A 243 14.12 17.24 6.61
CA ILE A 243 13.23 17.80 5.60
C ILE A 243 12.21 18.75 6.20
N TYR A 244 11.59 18.38 7.33
CA TYR A 244 10.37 19.04 7.77
C TYR A 244 10.54 20.00 8.94
N THR A 245 11.74 20.11 9.52
CA THR A 245 11.91 21.02 10.65
C THR A 245 11.58 22.46 10.26
N SER A 246 12.03 22.90 9.09
CA SER A 246 11.85 24.29 8.70
C SER A 246 10.36 24.67 8.58
N ILE A 247 9.49 23.69 8.31
CA ILE A 247 8.08 23.98 8.11
C ILE A 247 7.22 23.38 9.23
N GLY A 248 7.84 22.99 10.34
CA GLY A 248 7.09 22.64 11.53
C GLY A 248 6.16 21.44 11.41
N LEU A 249 6.52 20.45 10.60
CA LEU A 249 5.66 19.28 10.38
C LEU A 249 6.28 17.96 10.86
N VAL A 250 7.36 18.01 11.65
CA VAL A 250 8.12 16.79 11.95
C VAL A 250 7.25 15.76 12.69
N GLU A 251 6.56 16.20 13.75
CA GLU A 251 5.79 15.23 14.53
CA GLU A 251 5.76 15.26 14.55
C GLU A 251 4.62 14.66 13.73
N ASP A 252 4.03 15.46 12.84
CA ASP A 252 2.98 14.95 11.97
C ASP A 252 3.49 13.86 11.02
N VAL A 253 4.67 14.06 10.41
CA VAL A 253 5.17 13.06 9.47
CA VAL A 253 5.12 13.05 9.47
C VAL A 253 5.60 11.81 10.20
N ASN A 254 6.20 11.96 11.38
CA ASN A 254 6.63 10.80 12.15
C ASN A 254 5.45 9.90 12.49
N ARG A 255 4.33 10.51 12.93
CA ARG A 255 3.10 9.75 13.15
C ARG A 255 2.69 9.01 11.89
N PHE A 256 2.71 9.70 10.74
CA PHE A 256 2.32 9.08 9.48
C PHE A 256 3.28 7.95 9.08
N VAL A 257 4.56 8.07 9.44
CA VAL A 257 5.52 6.99 9.15
C VAL A 257 5.20 5.73 9.96
N ARG A 258 4.91 5.90 11.25
CA ARG A 258 4.58 4.76 12.10
C ARG A 258 3.29 4.09 11.64
N TYR A 259 2.32 4.90 11.23
CA TYR A 259 1.05 4.39 10.74
C TYR A 259 1.25 3.48 9.52
N ASN A 260 2.11 3.88 8.59
CA ASN A 260 2.35 3.04 7.42
C ASN A 260 3.31 1.90 7.71
N ALA A 261 4.28 2.09 8.61
CA ALA A 261 5.08 0.95 9.07
C ALA A 261 4.17 -0.18 9.57
N ASN A 262 3.09 0.16 10.29
CA ASN A 262 2.16 -0.88 10.76
C ASN A 262 1.47 -1.59 9.60
N LYS A 263 1.11 -0.85 8.55
CA LYS A 263 0.50 -1.46 7.37
C LYS A 263 1.49 -2.38 6.66
N GLY A 264 2.77 -1.98 6.61
CA GLY A 264 3.78 -2.83 6.00
C GLY A 264 3.96 -4.15 6.73
N LEU A 265 3.94 -4.10 8.06
CA LEU A 265 4.04 -5.32 8.87
C LEU A 265 2.87 -6.25 8.59
N MET A 266 1.66 -5.70 8.54
CA MET A 266 0.46 -6.50 8.29
C MET A 266 0.47 -7.11 6.89
N ASN A 267 1.03 -6.41 5.89
CA ASN A 267 1.20 -6.99 4.55
C ASN A 267 2.03 -8.26 4.60
N LEU A 268 2.95 -8.36 5.55
CA LEU A 268 3.76 -9.54 5.79
C LEU A 268 3.11 -10.55 6.73
N GLY A 269 1.89 -10.29 7.18
CA GLY A 269 1.26 -11.18 8.14
C GLY A 269 1.73 -11.00 9.57
N LEU A 270 2.36 -9.87 9.89
CA LEU A 270 2.93 -9.66 11.22
C LEU A 270 2.12 -8.64 12.00
N GLU A 271 2.25 -8.67 13.31
CA GLU A 271 1.48 -7.77 14.14
CA GLU A 271 1.49 -7.77 14.13
C GLU A 271 2.11 -6.37 14.14
N PRO A 272 1.29 -5.33 14.33
CA PRO A 272 1.84 -3.96 14.36
C PRO A 272 2.81 -3.77 15.52
N LYS A 273 3.79 -2.88 15.32
CA LYS A 273 4.76 -2.58 16.37
C LYS A 273 4.63 -1.17 16.92
N PHE A 274 3.82 -0.30 16.31
CA PHE A 274 3.66 1.05 16.81
C PHE A 274 2.22 1.27 17.28
N GLU A 275 2.07 2.15 18.28
CA GLU A 275 0.77 2.49 18.81
C GLU A 275 -0.16 3.03 17.73
N GLU A 276 -1.44 2.67 17.87
CA GLU A 276 -2.47 3.10 16.93
C GLU A 276 -2.81 4.57 17.16
N GLU A 277 -2.67 5.37 16.11
CA GLU A 277 -3.05 6.78 16.12
C GLU A 277 -3.86 7.06 14.86
N GLU A 278 -4.69 8.09 14.91
CA GLU A 278 -5.53 8.43 13.76
C GLU A 278 -4.70 9.09 12.67
N ILE A 279 -5.01 8.76 11.41
CA ILE A 279 -4.36 9.44 10.29
C ILE A 279 -4.68 10.94 10.35
N ASN A 280 -3.68 11.75 10.01
CA ASN A 280 -3.86 13.19 9.92
C ASN A 280 -5.04 13.50 9.00
N PRO A 281 -6.03 14.28 9.45
CA PRO A 281 -7.24 14.45 8.64
C PRO A 281 -7.04 15.26 7.37
N ILE A 282 -6.02 16.10 7.31
CA ILE A 282 -5.75 16.85 6.08
C ILE A 282 -5.12 15.93 5.03
N VAL A 283 -4.20 15.06 5.46
CA VAL A 283 -3.66 14.03 4.58
C VAL A 283 -4.78 13.14 4.05
N LEU A 284 -5.68 12.73 4.94
CA LEU A 284 -6.83 11.94 4.52
C LEU A 284 -7.63 12.65 3.43
N ASN A 285 -7.82 13.96 3.56
CA ASN A 285 -8.52 14.69 2.51
C ASN A 285 -7.74 14.72 1.20
N GLY A 286 -6.40 14.71 1.27
CA GLY A 286 -5.62 14.70 0.04
C GLY A 286 -5.66 13.39 -0.70
N LEU A 287 -6.04 12.31 -0.02
CA LEU A 287 -6.26 11.00 -0.61
C LEU A 287 -7.57 10.88 -1.35
N ARG A 288 -8.48 11.84 -1.19
CA ARG A 288 -9.78 11.83 -1.84
CA ARG A 288 -9.78 11.82 -1.85
C ARG A 288 -9.66 12.55 -3.18
N THR A 289 -9.50 11.80 -4.26
CA THR A 289 -9.49 12.39 -5.60
C THR A 289 -10.27 11.50 -6.54
N ASP A 290 -10.96 12.14 -7.49
CA ASP A 290 -11.83 11.40 -8.44
C ASP A 290 -11.03 10.61 -9.48
N THR A 291 -9.83 11.07 -9.82
CA THR A 291 -8.99 10.37 -10.84
C THR A 291 -8.65 8.94 -10.41
N LYS A 292 -8.63 8.63 -9.11
CA LYS A 292 -8.35 7.26 -8.67
C LYS A 292 -9.45 6.28 -9.08
N ASN A 293 -10.60 6.76 -9.54
CA ASN A 293 -11.69 5.93 -10.05
C ASN A 293 -11.42 5.32 -11.42
N HIS A 294 -10.40 5.79 -12.14
CA HIS A 294 -10.26 5.43 -13.56
C HIS A 294 -9.84 3.96 -13.70
N ASP A 295 -10.67 3.21 -14.42
CA ASP A 295 -10.41 1.82 -14.76
C ASP A 295 -10.12 1.76 -16.26
N PHE A 296 -8.90 1.30 -16.60
CA PHE A 296 -8.52 1.20 -18.01
C PHE A 296 -9.49 0.33 -18.80
N PHE A 297 -10.13 -0.65 -18.16
CA PHE A 297 -10.97 -1.60 -18.86
C PHE A 297 -12.35 -1.05 -19.22
N SER A 298 -12.81 -0.01 -18.53
CA SER A 298 -14.12 0.55 -18.83
C SER A 298 -14.05 1.48 -20.05
N VAL A 299 -13.02 2.32 -20.13
CA VAL A 299 -12.83 3.21 -21.26
C VAL A 299 -11.34 3.40 -21.58
N MET B 1 -25.57 -12.61 18.13
CA MET B 1 -25.68 -12.45 16.68
C MET B 1 -24.49 -13.08 15.96
N LEU B 2 -24.79 -13.83 14.91
CA LEU B 2 -23.77 -14.51 14.14
C LEU B 2 -22.97 -13.53 13.29
N VAL B 3 -21.67 -13.80 13.13
CA VAL B 3 -20.82 -13.04 12.23
C VAL B 3 -20.43 -13.93 11.07
N ALA B 4 -20.83 -13.55 9.86
CA ALA B 4 -20.41 -14.21 8.64
C ALA B 4 -19.37 -13.32 7.96
N TYR B 5 -18.28 -13.92 7.49
CA TYR B 5 -17.20 -13.14 6.93
C TYR B 5 -16.56 -13.86 5.75
N ASP B 6 -15.78 -13.10 4.99
CA ASP B 6 -14.93 -13.62 3.93
C ASP B 6 -13.61 -12.88 3.99
N SER B 7 -12.53 -13.59 3.65
CA SER B 7 -11.19 -13.03 3.72
C SER B 7 -10.37 -13.68 2.62
N MET B 8 -9.48 -12.90 2.01
CA MET B 8 -8.59 -13.44 0.96
C MET B 8 -7.13 -13.47 1.45
N THR B 9 -6.65 -12.41 2.10
CA THR B 9 -5.27 -12.39 2.55
C THR B 9 -5.17 -12.36 4.08
N GLY B 10 -6.25 -12.70 4.78
CA GLY B 10 -6.19 -12.97 6.20
C GLY B 10 -6.52 -11.81 7.12
N ASN B 11 -6.64 -10.58 6.60
CA ASN B 11 -6.85 -9.44 7.49
C ASN B 11 -8.21 -9.55 8.20
N VAL B 12 -9.27 -9.81 7.45
CA VAL B 12 -10.59 -9.94 8.07
C VAL B 12 -10.61 -11.14 9.01
N LYS B 13 -9.99 -12.25 8.60
CA LYS B 13 -9.90 -13.42 9.47
C LYS B 13 -9.27 -13.05 10.81
N ARG B 14 -8.15 -12.29 10.79
CA ARG B 14 -7.50 -11.89 12.02
C ARG B 14 -8.35 -10.92 12.84
N PHE B 15 -9.10 -10.04 12.17
CA PHE B 15 -10.04 -9.19 12.88
C PHE B 15 -11.12 -10.02 13.58
N ILE B 16 -11.59 -11.08 12.92
CA ILE B 16 -12.62 -11.95 13.48
C ILE B 16 -12.17 -12.49 14.82
N HIS B 17 -10.91 -12.92 14.89
CA HIS B 17 -10.42 -13.54 16.13
C HIS B 17 -10.34 -12.55 17.28
N LYS B 18 -10.25 -11.26 16.99
CA LYS B 18 -10.29 -10.27 18.07
C LYS B 18 -11.67 -10.16 18.69
N LEU B 19 -12.73 -10.54 17.97
CA LEU B 19 -14.08 -10.22 18.42
C LEU B 19 -14.58 -11.12 19.54
N ASN B 20 -14.06 -12.35 19.63
CA ASN B 20 -14.57 -13.36 20.57
C ASN B 20 -16.08 -13.54 20.42
N MET B 21 -16.56 -13.51 19.17
CA MET B 21 -17.95 -13.77 18.84
C MET B 21 -18.04 -14.99 17.93
N PRO B 22 -19.18 -15.70 17.91
CA PRO B 22 -19.31 -16.81 16.97
C PRO B 22 -19.24 -16.32 15.53
N ALA B 23 -18.41 -16.98 14.74
CA ALA B 23 -18.18 -16.50 13.38
C ALA B 23 -17.94 -17.69 12.47
N VAL B 24 -18.33 -17.53 11.20
CA VAL B 24 -18.14 -18.56 10.20
C VAL B 24 -17.72 -17.91 8.89
N GLN B 25 -16.75 -18.52 8.20
CA GLN B 25 -16.35 -18.06 6.88
C GLN B 25 -17.34 -18.57 5.84
N ILE B 26 -17.74 -17.69 4.94
CA ILE B 26 -18.75 -18.04 3.96
C ILE B 26 -18.13 -18.88 2.85
N ASP B 27 -18.93 -19.77 2.28
CA ASP B 27 -18.65 -20.42 1.01
C ASP B 27 -19.91 -20.35 0.16
N GLU B 28 -19.86 -20.95 -1.03
CA GLU B 28 -20.96 -20.79 -1.97
C GLU B 28 -22.20 -21.57 -1.53
N ASP B 29 -22.02 -22.64 -0.76
CA ASP B 29 -23.14 -23.45 -0.30
C ASP B 29 -23.77 -22.92 0.98
N LEU B 30 -23.09 -22.05 1.71
CA LEU B 30 -23.49 -21.74 3.08
C LEU B 30 -24.86 -21.09 3.14
N VAL B 31 -25.73 -21.65 3.99
CA VAL B 31 -27.05 -21.11 4.28
C VAL B 31 -27.07 -20.75 5.76
N ILE B 32 -27.21 -19.47 6.06
CA ILE B 32 -27.45 -18.99 7.42
C ILE B 32 -28.95 -18.78 7.58
N ASP B 33 -29.53 -19.32 8.65
CA ASP B 33 -30.93 -19.06 8.95
C ASP B 33 -31.09 -18.44 10.33
N GLU B 34 -30.13 -17.60 10.70
CA GLU B 34 -30.19 -16.75 11.89
C GLU B 34 -29.73 -15.36 11.49
N ASP B 35 -30.18 -14.36 12.25
CA ASP B 35 -29.69 -12.99 12.03
C ASP B 35 -28.18 -12.96 12.08
N PHE B 36 -27.58 -12.18 11.19
CA PHE B 36 -26.13 -12.14 11.17
C PHE B 36 -25.65 -10.78 10.70
N ILE B 37 -24.39 -10.50 11.02
CA ILE B 37 -23.64 -9.36 10.53
C ILE B 37 -22.59 -9.87 9.55
N LEU B 38 -22.50 -9.22 8.39
CA LEU B 38 -21.50 -9.56 7.38
C LEU B 38 -20.29 -8.64 7.52
N ILE B 39 -19.09 -9.22 7.47
CA ILE B 39 -17.85 -8.47 7.33
C ILE B 39 -17.16 -8.94 6.06
N THR B 40 -16.90 -8.00 5.16
CA THR B 40 -16.29 -8.33 3.89
C THR B 40 -15.04 -7.47 3.72
N TYR B 41 -14.13 -7.94 2.88
CA TYR B 41 -13.03 -7.08 2.44
C TYR B 41 -13.47 -6.38 1.16
N THR B 42 -12.63 -5.46 0.69
CA THR B 42 -12.96 -4.61 -0.45
C THR B 42 -12.01 -4.92 -1.60
N THR B 43 -12.58 -5.16 -2.78
CA THR B 43 -11.79 -5.43 -3.97
C THR B 43 -11.65 -4.15 -4.79
N GLY B 44 -10.86 -4.23 -5.87
CA GLY B 44 -10.48 -3.07 -6.65
C GLY B 44 -11.60 -2.12 -6.99
N PHE B 45 -11.34 -0.81 -6.83
CA PHE B 45 -12.32 0.24 -7.13
C PHE B 45 -13.55 0.17 -6.24
N GLY B 46 -13.38 -0.28 -4.99
CA GLY B 46 -14.45 -0.19 -4.02
C GLY B 46 -15.53 -1.23 -4.15
N ASN B 47 -15.20 -2.42 -4.64
CA ASN B 47 -16.21 -3.39 -5.01
C ASN B 47 -16.31 -4.52 -3.99
N VAL B 48 -17.31 -5.37 -4.20
CA VAL B 48 -17.62 -6.49 -3.30
C VAL B 48 -17.06 -7.76 -3.92
N PRO B 49 -16.38 -8.61 -3.14
CA PRO B 49 -15.93 -9.90 -3.69
C PRO B 49 -17.11 -10.70 -4.21
N GLU B 50 -16.91 -11.34 -5.38
CA GLU B 50 -18.02 -12.05 -6.02
C GLU B 50 -18.60 -13.14 -5.11
N ARG B 51 -17.78 -13.79 -4.30
CA ARG B 51 -18.29 -14.82 -3.41
C ARG B 51 -19.22 -14.23 -2.36
N VAL B 52 -18.93 -13.02 -1.87
CA VAL B 52 -19.85 -12.36 -0.96
C VAL B 52 -21.16 -12.04 -1.67
N LEU B 53 -21.08 -11.53 -2.90
CA LEU B 53 -22.28 -11.21 -3.66
C LEU B 53 -23.16 -12.44 -3.84
N ASP B 54 -22.56 -13.56 -4.26
CA ASP B 54 -23.32 -14.79 -4.47
C ASP B 54 -23.92 -15.28 -3.15
N PHE B 55 -23.17 -15.17 -2.04
CA PHE B 55 -23.68 -15.58 -0.74
C PHE B 55 -24.91 -14.76 -0.35
N LEU B 56 -24.84 -13.43 -0.53
CA LEU B 56 -25.95 -12.57 -0.14
C LEU B 56 -27.20 -12.81 -0.98
N GLU B 57 -27.03 -13.20 -2.24
CA GLU B 57 -28.16 -13.49 -3.11
C GLU B 57 -29.10 -14.52 -2.50
N ARG B 58 -28.55 -15.48 -1.74
CA ARG B 58 -29.36 -16.50 -1.09
C ARG B 58 -29.68 -16.18 0.37
N ASN B 59 -28.90 -15.30 1.01
CA ASN B 59 -28.98 -15.13 2.46
C ASN B 59 -29.35 -13.72 2.90
N ASN B 60 -29.78 -12.85 1.98
CA ASN B 60 -29.97 -11.45 2.37
C ASN B 60 -31.14 -11.23 3.31
N GLU B 61 -32.02 -12.22 3.49
CA GLU B 61 -33.17 -12.03 4.38
C GLU B 61 -32.75 -11.91 5.84
N LYS B 62 -31.63 -12.52 6.22
CA LYS B 62 -31.17 -12.52 7.60
C LYS B 62 -30.09 -11.48 7.87
N LEU B 63 -29.68 -10.71 6.85
CA LEU B 63 -28.59 -9.74 7.00
C LEU B 63 -29.07 -8.54 7.82
N LYS B 64 -28.38 -8.25 8.92
CA LYS B 64 -28.73 -7.12 9.77
C LYS B 64 -27.78 -5.93 9.67
N GLY B 65 -26.59 -6.10 9.13
CA GLY B 65 -25.65 -5.00 9.02
C GLY B 65 -24.37 -5.50 8.37
N VAL B 66 -23.54 -4.56 7.95
CA VAL B 66 -22.32 -4.90 7.23
C VAL B 66 -21.16 -4.01 7.68
N SER B 67 -20.00 -4.63 7.90
CA SER B 67 -18.73 -3.94 8.04
C SER B 67 -17.80 -4.32 6.90
N ALA B 68 -16.90 -3.41 6.55
CA ALA B 68 -15.94 -3.65 5.48
C ALA B 68 -14.53 -3.36 5.97
N SER B 69 -13.61 -4.25 5.65
CA SER B 69 -12.18 -3.98 5.78
C SER B 69 -11.68 -3.39 4.46
N GLY B 70 -10.76 -2.43 4.57
CA GLY B 70 -10.19 -1.81 3.39
C GLY B 70 -8.86 -1.15 3.69
N ASN B 71 -8.50 -0.20 2.83
CA ASN B 71 -7.28 0.58 2.98
C ASN B 71 -7.61 2.02 2.61
N ARG B 72 -7.35 2.96 3.52
CA ARG B 72 -7.68 4.36 3.23
CA ARG B 72 -7.66 4.36 3.24
C ARG B 72 -6.85 4.93 2.08
N ASN B 73 -5.79 4.23 1.64
CA ASN B 73 -5.11 4.63 0.42
C ASN B 73 -6.07 4.75 -0.77
N TRP B 74 -7.21 4.06 -0.72
CA TRP B 74 -8.18 4.09 -1.81
C TRP B 74 -9.14 5.29 -1.74
N GLY B 75 -8.87 6.25 -0.85
CA GLY B 75 -9.62 7.50 -0.89
C GLY B 75 -11.10 7.28 -0.62
N ASP B 76 -11.94 7.84 -1.50
CA ASP B 76 -13.39 7.64 -1.42
C ASP B 76 -13.82 6.21 -1.68
N MET B 77 -12.93 5.35 -2.16
CA MET B 77 -13.27 3.94 -2.32
C MET B 77 -12.88 3.10 -1.10
N PHE B 78 -12.45 3.76 -0.02
CA PHE B 78 -12.16 3.05 1.21
C PHE B 78 -13.40 2.31 1.71
N GLY B 79 -13.31 0.99 1.78
CA GLY B 79 -14.38 0.19 2.35
C GLY B 79 -15.71 0.33 1.64
N ALA B 80 -15.71 0.70 0.35
CA ALA B 80 -16.98 1.00 -0.32
C ALA B 80 -17.76 -0.26 -0.67
N SER B 81 -17.23 -1.45 -0.36
CA SER B 81 -18.03 -2.66 -0.45
C SER B 81 -19.19 -2.64 0.53
N ALA B 82 -19.01 -1.95 1.67
CA ALA B 82 -20.10 -1.79 2.61
C ALA B 82 -21.18 -0.85 2.07
N ASP B 83 -20.77 0.22 1.39
CA ASP B 83 -21.73 1.16 0.80
C ASP B 83 -22.65 0.47 -0.18
N LYS B 84 -22.06 -0.35 -1.07
CA LYS B 84 -22.87 -1.04 -2.08
C LYS B 84 -23.84 -2.02 -1.43
N ILE B 85 -23.38 -2.78 -0.44
CA ILE B 85 -24.26 -3.74 0.24
C ILE B 85 -25.32 -3.00 1.06
N SER B 86 -24.94 -1.90 1.71
CA SER B 86 -25.87 -1.17 2.55
C SER B 86 -27.04 -0.61 1.74
N THR B 87 -26.77 -0.08 0.56
CA THR B 87 -27.84 0.48 -0.26
C THR B 87 -28.62 -0.62 -0.99
N LYS B 88 -27.93 -1.67 -1.44
CA LYS B 88 -28.62 -2.72 -2.18
C LYS B 88 -29.65 -3.45 -1.32
N TYR B 89 -29.33 -3.66 -0.05
CA TYR B 89 -30.18 -4.44 0.84
C TYR B 89 -30.75 -3.62 1.99
N GLU B 90 -30.49 -2.32 2.03
CA GLU B 90 -31.07 -1.40 3.02
C GLU B 90 -30.79 -1.88 4.45
N VAL B 91 -29.52 -2.15 4.73
CA VAL B 91 -29.07 -2.47 6.08
C VAL B 91 -28.03 -1.43 6.48
N PRO B 92 -27.88 -1.11 7.76
CA PRO B 92 -26.87 -0.13 8.16
C PRO B 92 -25.46 -0.61 7.89
N ILE B 93 -24.57 0.36 7.68
CA ILE B 93 -23.14 0.10 7.75
C ILE B 93 -22.77 0.07 9.23
N VAL B 94 -22.29 -1.09 9.69
CA VAL B 94 -21.81 -1.19 11.06
C VAL B 94 -20.57 -0.34 11.25
N SER B 95 -19.57 -0.52 10.40
CA SER B 95 -18.30 0.20 10.51
C SER B 95 -17.43 -0.11 9.30
N LYS B 96 -16.34 0.65 9.18
CA LYS B 96 -15.27 0.44 8.22
C LYS B 96 -13.96 0.51 8.96
N PHE B 97 -13.05 -0.42 8.66
CA PHE B 97 -11.75 -0.42 9.31
C PHE B 97 -10.69 -0.81 8.30
N GLU B 98 -9.44 -0.51 8.66
CA GLU B 98 -8.31 -0.76 7.78
C GLU B 98 -7.67 -2.10 8.13
N LEU B 99 -7.43 -2.92 7.11
CA LEU B 99 -6.71 -4.19 7.26
C LEU B 99 -7.28 -5.04 8.40
N SER B 100 -6.49 -5.34 9.43
CA SER B 100 -6.96 -6.18 10.53
C SER B 100 -7.66 -5.40 11.64
N GLY B 101 -7.71 -4.08 11.53
CA GLY B 101 -8.41 -3.24 12.48
C GLY B 101 -7.56 -2.87 13.68
N THR B 102 -7.88 -1.72 14.27
CA THR B 102 -7.31 -1.30 15.53
C THR B 102 -8.20 -1.76 16.68
N ASN B 103 -7.65 -1.73 17.90
CA ASN B 103 -8.45 -2.09 19.06
C ASN B 103 -9.63 -1.13 19.23
N ASN B 104 -9.50 0.11 18.75
CA ASN B 104 -10.67 0.98 18.71
C ASN B 104 -11.69 0.50 17.68
N ASP B 105 -11.22 -0.04 16.56
CA ASP B 105 -12.14 -0.65 15.59
C ASP B 105 -12.92 -1.80 16.22
N VAL B 106 -12.26 -2.61 17.03
CA VAL B 106 -12.95 -3.74 17.67
C VAL B 106 -14.04 -3.25 18.61
N GLU B 107 -13.70 -2.35 19.54
CA GLU B 107 -14.71 -1.89 20.49
C GLU B 107 -15.82 -1.12 19.79
N TYR B 108 -15.49 -0.35 18.75
CA TYR B 108 -16.54 0.33 17.99
C TYR B 108 -17.50 -0.68 17.38
N PHE B 109 -16.96 -1.74 16.76
CA PHE B 109 -17.80 -2.77 16.16
C PHE B 109 -18.74 -3.39 17.18
N LYS B 110 -18.18 -3.93 18.28
CA LYS B 110 -18.99 -4.58 19.31
C LYS B 110 -20.07 -3.64 19.82
N GLU B 111 -19.70 -2.39 20.11
CA GLU B 111 -20.67 -1.41 20.57
C GLU B 111 -21.71 -1.11 19.49
N ARG B 112 -21.31 -1.14 18.22
CA ARG B 112 -22.26 -0.90 17.14
C ARG B 112 -23.26 -2.04 17.01
N VAL B 113 -22.80 -3.30 17.16
CA VAL B 113 -23.71 -4.43 16.97
C VAL B 113 -24.68 -4.53 18.15
N ARG B 114 -24.27 -4.13 19.35
CA ARG B 114 -25.22 -4.05 20.46
C ARG B 114 -26.28 -2.99 20.19
N GLU B 115 -25.93 -1.96 19.43
CA GLU B 115 -26.90 -0.94 19.04
C GLU B 115 -27.97 -1.50 18.11
N ILE B 116 -27.62 -2.46 17.26
CA ILE B 116 -28.54 -3.03 16.28
C ILE B 116 -29.58 -3.94 16.95
MN MN C . 5.89 -0.31 -6.08
MN MN D . 6.55 3.27 -7.54
UNK UNX E . -4.65 -1.94 -1.21
N1 FMN F . -9.41 -1.43 -0.08
C2 FMN F . -10.33 -0.39 -0.22
O2 FMN F . -10.71 0.20 0.77
N3 FMN F . -10.82 -0.05 -1.46
C4 FMN F . -10.39 -0.70 -2.59
O4 FMN F . -10.84 -0.38 -3.70
C4A FMN F . -9.46 -1.73 -2.46
N5 FMN F . -9.03 -2.42 -3.58
C5A FMN F . -8.11 -3.43 -3.45
C6 FMN F . -7.69 -4.11 -4.57
C7 FMN F . -6.77 -5.14 -4.46
C7M FMN F . -6.31 -5.86 -5.70
C8 FMN F . -6.28 -5.48 -3.20
C8M FMN F . -5.28 -6.59 -3.03
C9 FMN F . -6.70 -4.80 -2.07
C9A FMN F . -7.64 -3.77 -2.18
N10 FMN F . -8.08 -3.11 -1.05
C10 FMN F . -8.98 -2.08 -1.20
C1' FMN F . -7.57 -3.42 0.32
C2' FMN F . -8.19 -4.67 0.94
O2' FMN F . -9.59 -4.52 0.98
C3' FMN F . -7.65 -4.79 2.36
O3' FMN F . -6.28 -5.11 2.27
C4' FMN F . -8.39 -5.82 3.19
O4' FMN F . -7.88 -5.82 4.51
C5' FMN F . -8.18 -7.21 2.63
O5' FMN F . -8.91 -8.11 3.41
P FMN F . -8.44 -9.64 3.54
O1P FMN F . -9.32 -10.29 4.58
O2P FMN F . -7.00 -9.69 4.02
O3P FMN F . -8.56 -10.30 2.18
#